data_8F5Y
#
_entry.id   8F5Y
#
_cell.length_a   75.547
_cell.length_b   82.562
_cell.length_c   103.669
_cell.angle_alpha   90.000
_cell.angle_beta   90.000
_cell.angle_gamma   90.000
#
_symmetry.space_group_name_H-M   'P 21 21 21'
#
loop_
_entity.id
_entity.type
_entity.pdbx_description
1 polymer 'Nuclear receptor subfamily 1 group I member 2'
2 polymer 'Nuclear receptor coactivator 1'
3 non-polymer (6S)-6-(2-tert-butoxy-2-oxoethyl)-4-(4-chlorophenyl)-2,3,9-trimethyl-6,7-dihydrothieno[3,2-f][1,2,4]triazolo[4,3-a][1,4]diazepin-10-ium
4 water water
#
loop_
_entity_poly.entity_id
_entity_poly.type
_entity_poly.pdbx_seq_one_letter_code
_entity_poly.pdbx_strand_id
1 'polypeptide(L)'
;MGKGHHHHHHGSERTGTQPLGVQGLTEEQRMMIRELMDAQMKTFDTTFSHFKNFRLPGVLSSGCELPESLQAPSREEAAK
WSQVRKDLCSLKVSLQLRGEDGSVWNYKPPADSGGKEIFSLLPHMADMSTYMFKGIISFAKVISYFRDLPIEDQISLLKG
AAFELCQLRFNTVFNAETGTWECGRLSYCLEDTAGGFQQLLLEPMLKFHYMLKKLQLHEEEYVLMQAISLFSPDRPGVLQ
HRVVDQLQEQFAITLKSYIECNRPQPAHRFLFLKIMAMLTELRSINAQHTQRLLRIQDIHPFATPLMQELFGITGS
;
A,B
2 'polypeptide(L)' CPSSHSSLTERHKILHRLLQEGSPS C,D
#
# COMPACT_ATOMS: atom_id res chain seq x y z
N GLY A 24 20.66 7.62 47.59
CA GLY A 24 20.14 6.42 46.97
C GLY A 24 18.63 6.26 47.11
N LEU A 25 18.08 5.22 46.49
CA LEU A 25 16.64 5.02 46.51
C LEU A 25 16.30 4.14 47.70
N THR A 26 15.13 4.37 48.29
CA THR A 26 14.68 3.48 49.34
C THR A 26 14.24 2.16 48.71
N GLU A 27 14.30 1.09 49.51
CA GLU A 27 13.94 -0.22 48.98
C GLU A 27 12.45 -0.31 48.68
N GLU A 28 11.60 0.37 49.45
CA GLU A 28 10.21 0.55 49.03
C GLU A 28 10.15 1.15 47.62
N GLN A 29 11.07 2.06 47.30
CA GLN A 29 11.11 2.73 46.01
C GLN A 29 11.74 1.85 44.93
N ARG A 30 12.82 1.16 45.26
CA ARG A 30 13.44 0.25 44.30
C ARG A 30 12.49 -0.87 43.91
N MET A 31 11.66 -1.34 44.87
CA MET A 31 10.68 -2.40 44.60
C MET A 31 9.52 -1.88 43.78
N MET A 32 9.06 -0.67 44.09
CA MET A 32 8.05 -0.02 43.25
C MET A 32 8.47 -0.04 41.79
N ILE A 33 9.71 0.37 41.52
CA ILE A 33 10.18 0.42 40.15
C ILE A 33 10.26 -0.97 39.57
N ARG A 34 10.75 -1.93 40.36
CA ARG A 34 10.86 -3.30 39.90
C ARG A 34 9.49 -3.84 39.48
N GLU A 35 8.46 -3.65 40.32
CA GLU A 35 7.13 -4.11 39.94
C GLU A 35 6.60 -3.40 38.69
N LEU A 36 6.84 -2.10 38.53
CA LEU A 36 6.37 -1.42 37.32
C LEU A 36 7.09 -1.96 36.10
N MET A 37 8.41 -2.18 36.22
CA MET A 37 9.20 -2.63 35.08
C MET A 37 8.84 -4.05 34.67
N ASP A 38 8.56 -4.92 35.65
CA ASP A 38 8.11 -6.27 35.32
C ASP A 38 6.75 -6.23 34.63
N ALA A 39 5.85 -5.36 35.11
CA ALA A 39 4.56 -5.18 34.46
C ALA A 39 4.75 -4.77 33.01
N GLN A 40 5.64 -3.80 32.76
CA GLN A 40 5.90 -3.32 31.40
C GLN A 40 6.47 -4.43 30.54
N MET A 41 7.48 -5.14 31.06
CA MET A 41 8.09 -6.19 30.27
C MET A 41 7.06 -7.24 29.88
N LYS A 42 6.14 -7.55 30.78
CA LYS A 42 5.20 -8.62 30.54
C LYS A 42 4.03 -8.21 29.67
N THR A 43 3.71 -6.92 29.59
CA THR A 43 2.49 -6.50 28.91
C THR A 43 2.70 -5.57 27.71
N PHE A 44 3.92 -5.13 27.43
CA PHE A 44 4.20 -4.27 26.28
C PHE A 44 4.92 -5.11 25.22
N ASP A 45 4.20 -5.46 24.16
CA ASP A 45 4.75 -6.13 22.99
C ASP A 45 5.51 -5.10 22.14
N THR A 46 6.76 -4.83 22.52
CA THR A 46 7.54 -3.78 21.87
C THR A 46 7.78 -4.06 20.40
N THR A 47 7.91 -5.34 20.03
CA THR A 47 8.13 -5.73 18.65
C THR A 47 6.81 -5.91 17.91
N PHE A 48 5.68 -5.78 18.59
CA PHE A 48 4.36 -5.99 18.02
C PHE A 48 4.26 -7.36 17.34
N SER A 49 5.07 -8.32 17.79
CA SER A 49 5.11 -9.61 17.11
C SER A 49 3.82 -10.40 17.34
N HIS A 50 3.00 -10.03 18.32
CA HIS A 50 1.74 -10.71 18.57
C HIS A 50 0.54 -9.90 18.10
N PHE A 51 0.77 -8.78 17.42
CA PHE A 51 -0.29 -8.05 16.72
C PHE A 51 -0.38 -8.70 15.35
N LYS A 52 -1.22 -9.72 15.21
CA LYS A 52 -1.21 -10.55 14.01
C LYS A 52 -2.43 -10.37 13.12
N ASN A 53 -3.60 -10.12 13.67
CA ASN A 53 -4.81 -10.00 12.87
C ASN A 53 -5.27 -8.56 12.90
N PHE A 54 -5.28 -7.92 11.76
CA PHE A 54 -5.78 -6.56 11.71
C PHE A 54 -6.30 -6.26 10.32
N ARG A 55 -7.24 -5.34 10.27
CA ARG A 55 -7.70 -4.83 9.00
C ARG A 55 -6.68 -3.85 8.44
N LEU A 56 -6.67 -3.75 7.11
CA LEU A 56 -5.80 -2.87 6.36
C LEU A 56 -6.66 -2.17 5.31
N PRO A 57 -6.30 -0.96 4.90
CA PRO A 57 -7.00 -0.32 3.77
C PRO A 57 -6.99 -1.22 2.54
N GLY A 58 -8.12 -1.22 1.83
CA GLY A 58 -8.27 -2.13 0.70
C GLY A 58 -7.26 -1.87 -0.41
N VAL A 59 -7.01 -2.92 -1.22
CA VAL A 59 -6.14 -2.81 -2.40
C VAL A 59 -7.01 -2.56 -3.62
N LEU A 60 -6.58 -1.64 -4.49
CA LEU A 60 -7.36 -1.19 -5.65
C LEU A 60 -8.82 -0.93 -5.24
N SER A 61 -8.99 -0.02 -4.28
CA SER A 61 -10.31 0.30 -3.72
C SER A 61 -10.99 1.44 -4.49
N ARG A 75 -28.40 19.71 7.31
CA ARG A 75 -27.53 20.90 7.56
C ARG A 75 -26.50 20.57 8.63
N GLU A 76 -26.95 20.19 9.82
CA GLU A 76 -26.01 19.87 10.93
C GLU A 76 -25.16 18.66 10.53
N GLU A 77 -25.73 17.75 9.75
CA GLU A 77 -24.97 16.58 9.25
C GLU A 77 -23.79 17.06 8.42
N ALA A 78 -24.01 18.02 7.53
CA ALA A 78 -22.93 18.52 6.65
C ALA A 78 -21.92 19.34 7.46
N ALA A 79 -22.36 20.07 8.48
CA ALA A 79 -21.40 20.80 9.34
C ALA A 79 -20.56 19.81 10.15
N LYS A 80 -21.15 18.67 10.52
CA LYS A 80 -20.42 17.64 11.28
C LYS A 80 -19.37 17.01 10.35
N TRP A 81 -19.77 16.74 9.11
CA TRP A 81 -18.82 16.18 8.12
C TRP A 81 -17.67 17.16 7.91
N SER A 82 -17.94 18.46 8.01
CA SER A 82 -16.89 19.48 7.81
C SER A 82 -15.88 19.42 8.97
N GLN A 83 -16.36 19.38 10.21
CA GLN A 83 -15.44 19.38 11.35
C GLN A 83 -14.60 18.12 11.39
N VAL A 84 -15.19 16.97 11.02
CA VAL A 84 -14.47 15.70 11.02
C VAL A 84 -13.36 15.71 9.98
N ARG A 85 -13.61 16.36 8.83
CA ARG A 85 -12.56 16.55 7.85
C ARG A 85 -11.37 17.29 8.46
N LYS A 86 -11.66 18.33 9.24
CA LYS A 86 -10.60 19.09 9.88
C LYS A 86 -9.96 18.30 11.02
N ASP A 87 -10.70 17.34 11.59
CA ASP A 87 -10.11 16.46 12.59
C ASP A 87 -9.15 15.47 11.92
N LEU A 88 -9.59 14.85 10.82
CA LEU A 88 -8.80 13.81 10.18
C LEU A 88 -7.60 14.35 9.40
N CYS A 89 -7.64 15.61 8.96
CA CYS A 89 -6.52 16.22 8.26
C CYS A 89 -5.38 16.58 9.19
N SER A 90 -5.64 16.56 10.50
CA SER A 90 -4.66 16.95 11.50
C SER A 90 -3.49 15.98 11.55
N LEU A 91 -3.73 14.70 11.31
CA LEU A 91 -2.69 13.67 11.40
C LEU A 91 -2.68 12.81 10.14
N LYS A 92 -1.72 13.07 9.25
CA LYS A 92 -1.54 12.34 8.01
C LYS A 92 -0.38 11.35 8.18
N VAL A 93 -0.71 10.05 8.21
CA VAL A 93 0.31 9.01 8.34
C VAL A 93 0.21 8.02 7.19
N SER A 94 1.37 7.59 6.69
CA SER A 94 1.42 6.47 5.76
C SER A 94 1.70 5.19 6.53
N LEU A 95 1.26 4.07 5.99
CA LEU A 95 1.44 2.77 6.65
C LEU A 95 2.47 1.97 5.88
N GLN A 96 3.50 1.46 6.56
CA GLN A 96 4.50 0.61 5.93
C GLN A 96 4.46 -0.80 6.54
N LEU A 97 4.38 -1.81 5.68
CA LEU A 97 4.44 -3.22 6.10
C LEU A 97 5.68 -3.89 5.53
N ARG A 98 6.59 -4.34 6.40
CA ARG A 98 7.86 -4.90 5.95
C ARG A 98 7.78 -6.42 6.02
N GLY A 99 8.08 -7.09 4.90
CA GLY A 99 8.07 -8.53 4.89
C GLY A 99 9.36 -9.11 5.44
N GLU A 100 9.29 -10.39 5.83
CA GLU A 100 10.46 -11.06 6.40
C GLU A 100 11.58 -11.17 5.38
N ASP A 101 11.29 -10.99 4.09
CA ASP A 101 12.31 -11.01 3.06
C ASP A 101 13.00 -9.66 2.85
N GLY A 102 12.54 -8.59 3.52
CA GLY A 102 13.05 -7.26 3.32
C GLY A 102 12.25 -6.38 2.38
N SER A 103 11.24 -6.93 1.72
CA SER A 103 10.34 -6.15 0.88
C SER A 103 9.44 -5.28 1.76
N VAL A 104 8.93 -4.19 1.16
CA VAL A 104 8.08 -3.24 1.87
C VAL A 104 6.84 -2.91 1.04
N TRP A 105 5.66 -3.07 1.66
CA TRP A 105 4.42 -2.51 1.13
C TRP A 105 4.13 -1.19 1.82
N ASN A 106 4.02 -0.11 1.06
CA ASN A 106 3.71 1.21 1.59
C ASN A 106 2.34 1.65 1.13
N TYR A 107 1.49 2.07 2.08
CA TYR A 107 0.17 2.60 1.76
C TYR A 107 0.15 4.11 1.99
N LYS A 108 -0.19 4.85 0.95
CA LYS A 108 -0.37 6.29 1.05
C LYS A 108 -1.85 6.61 1.01
N PRO A 109 -2.39 7.25 2.04
CA PRO A 109 -3.83 7.56 2.07
C PRO A 109 -4.22 8.53 0.97
N PRO A 110 -5.50 8.55 0.61
CA PRO A 110 -5.98 9.51 -0.38
C PRO A 110 -6.01 10.92 0.21
N ALA A 111 -6.10 11.89 -0.69
CA ALA A 111 -6.33 13.27 -0.28
C ALA A 111 -7.83 13.50 -0.13
N ASP A 112 -8.19 14.46 0.72
CA ASP A 112 -9.61 14.70 1.01
C ASP A 112 -10.36 15.14 -0.24
N SER A 113 -11.24 14.28 -0.75
CA SER A 113 -12.13 14.67 -1.82
C SER A 113 -13.50 15.04 -1.29
N GLY A 114 -14.39 14.06 -1.14
CA GLY A 114 -15.75 14.38 -0.74
C GLY A 114 -16.33 13.38 0.24
N GLY A 115 -15.53 12.45 0.76
CA GLY A 115 -15.98 11.57 1.82
C GLY A 115 -15.59 10.11 1.58
N LYS A 116 -15.89 9.29 2.59
CA LYS A 116 -15.55 7.86 2.63
C LYS A 116 -14.03 7.64 2.59
N GLU A 117 -13.34 8.17 1.58
CA GLU A 117 -11.90 7.95 1.45
C GLU A 117 -11.11 8.45 2.66
N ILE A 118 -11.62 9.48 3.34
CA ILE A 118 -10.96 10.05 4.51
C ILE A 118 -10.96 9.10 5.68
N PHE A 119 -11.74 8.04 5.60
CA PHE A 119 -11.85 7.02 6.63
C PHE A 119 -11.10 5.73 6.30
N SER A 120 -10.25 5.71 5.27
CA SER A 120 -9.69 4.43 4.82
C SER A 120 -8.78 3.80 5.87
N LEU A 121 -8.14 4.60 6.70
CA LEU A 121 -7.24 4.06 7.72
C LEU A 121 -7.94 3.72 9.03
N LEU A 122 -9.20 4.09 9.21
CA LEU A 122 -9.84 3.96 10.53
C LEU A 122 -9.97 2.51 11.01
N PRO A 123 -10.42 1.53 10.21
CA PRO A 123 -10.41 0.13 10.69
C PRO A 123 -9.07 -0.35 11.21
N HIS A 124 -7.99 -0.07 10.47
CA HIS A 124 -6.68 -0.50 10.92
C HIS A 124 -6.33 0.15 12.26
N MET A 125 -6.53 1.46 12.37
CA MET A 125 -6.16 2.17 13.60
C MET A 125 -7.01 1.73 14.78
N ALA A 126 -8.27 1.37 14.53
CA ALA A 126 -9.10 0.83 15.59
C ALA A 126 -8.52 -0.48 16.11
N ASP A 127 -8.08 -1.36 15.20
CA ASP A 127 -7.49 -2.62 15.60
C ASP A 127 -6.17 -2.40 16.33
N MET A 128 -5.35 -1.46 15.83
CA MET A 128 -4.09 -1.13 16.49
C MET A 128 -4.32 -0.56 17.88
N SER A 129 -5.26 0.37 18.01
CA SER A 129 -5.56 0.95 19.32
C SER A 129 -6.11 -0.07 20.29
N THR A 130 -7.05 -0.90 19.83
CA THR A 130 -7.61 -1.93 20.68
C THR A 130 -6.53 -2.89 21.17
N TYR A 131 -5.60 -3.27 20.27
CA TYR A 131 -4.48 -4.10 20.69
C TYR A 131 -3.68 -3.43 21.79
N MET A 132 -3.38 -2.14 21.63
CA MET A 132 -2.60 -1.41 22.63
C MET A 132 -3.38 -1.27 23.94
N PHE A 133 -4.68 -1.01 23.86
CA PHE A 133 -5.48 -0.87 25.06
C PHE A 133 -5.48 -2.16 25.87
N LYS A 134 -5.58 -3.31 25.20
CA LYS A 134 -5.50 -4.56 25.95
C LYS A 134 -4.18 -4.66 26.68
N GLY A 135 -3.08 -4.22 26.06
CA GLY A 135 -1.81 -4.22 26.74
C GLY A 135 -1.76 -3.34 27.97
N ILE A 136 -2.48 -2.20 27.94
CA ILE A 136 -2.48 -1.25 29.05
C ILE A 136 -3.32 -1.77 30.21
N ILE A 137 -4.45 -2.41 29.89
CA ILE A 137 -5.28 -3.06 30.90
C ILE A 137 -4.49 -4.14 31.62
N SER A 138 -3.73 -4.94 30.86
CA SER A 138 -2.90 -5.99 31.44
C SER A 138 -1.79 -5.40 32.32
N PHE A 139 -1.19 -4.28 31.89
CA PHE A 139 -0.21 -3.58 32.72
C PHE A 139 -0.82 -3.17 34.05
N ALA A 140 -1.97 -2.49 34.02
CA ALA A 140 -2.56 -2.03 35.27
C ALA A 140 -2.93 -3.21 36.18
N LYS A 141 -3.43 -4.31 35.61
CA LYS A 141 -3.87 -5.47 36.38
C LYS A 141 -2.77 -6.07 37.24
N VAL A 142 -1.51 -6.02 36.80
CA VAL A 142 -0.44 -6.66 37.55
C VAL A 142 0.19 -5.73 38.58
N ILE A 143 -0.32 -4.51 38.73
CA ILE A 143 0.21 -3.58 39.72
C ILE A 143 -0.59 -3.74 41.00
N SER A 144 0.11 -4.09 42.09
CA SER A 144 -0.50 -4.27 43.40
C SER A 144 -1.38 -3.08 43.76
N TYR A 145 -0.86 -1.86 43.62
CA TYR A 145 -1.61 -0.68 44.03
C TYR A 145 -2.91 -0.53 43.25
N PHE A 146 -2.93 -1.03 42.01
CA PHE A 146 -4.15 -0.93 41.21
C PHE A 146 -5.16 -2.00 41.57
N ARG A 147 -4.71 -3.25 41.75
CA ARG A 147 -5.64 -4.36 42.02
C ARG A 147 -6.43 -4.14 43.29
N ASP A 148 -5.81 -3.52 44.29
CA ASP A 148 -6.45 -3.29 45.58
C ASP A 148 -7.55 -2.23 45.52
N LEU A 149 -7.66 -1.46 44.42
CA LEU A 149 -8.69 -0.42 44.32
C LEU A 149 -10.05 -1.03 44.01
N PRO A 150 -11.16 -0.39 44.43
CA PRO A 150 -12.48 -0.86 44.01
C PRO A 150 -12.60 -0.94 42.48
N ILE A 151 -13.34 -1.94 41.99
CA ILE A 151 -13.37 -2.24 40.54
C ILE A 151 -13.89 -1.06 39.72
N GLU A 152 -14.91 -0.32 40.20
CA GLU A 152 -15.44 0.79 39.40
C GLU A 152 -14.43 1.94 39.28
N ASP A 153 -13.58 2.12 40.29
CA ASP A 153 -12.46 3.07 40.19
C ASP A 153 -11.39 2.53 39.25
N GLN A 154 -11.13 1.23 39.29
CA GLN A 154 -10.22 0.64 38.32
C GLN A 154 -10.68 0.93 36.91
N ILE A 155 -11.98 0.74 36.66
CA ILE A 155 -12.55 0.99 35.35
C ILE A 155 -12.47 2.48 35.01
N SER A 156 -12.81 3.34 35.98
CA SER A 156 -12.73 4.78 35.77
C SER A 156 -11.30 5.23 35.49
N LEU A 157 -10.32 4.67 36.20
CA LEU A 157 -8.94 5.09 35.96
C LEU A 157 -8.49 4.67 34.56
N LEU A 158 -8.88 3.46 34.14
CA LEU A 158 -8.48 2.98 32.83
C LEU A 158 -9.16 3.76 31.70
N LYS A 159 -10.44 4.09 31.86
CA LYS A 159 -11.14 4.84 30.83
C LYS A 159 -10.52 6.22 30.64
N GLY A 160 -10.05 6.83 31.74
CA GLY A 160 -9.46 8.15 31.65
C GLY A 160 -8.01 8.18 31.21
N ALA A 161 -7.28 7.08 31.38
CA ALA A 161 -5.85 7.07 31.08
C ALA A 161 -5.44 6.18 29.92
N ALA A 162 -6.37 5.44 29.30
CA ALA A 162 -5.99 4.47 28.27
C ALA A 162 -5.19 5.11 27.13
N PHE A 163 -5.74 6.17 26.53
CA PHE A 163 -5.05 6.87 25.43
C PHE A 163 -3.67 7.38 25.87
N GLU A 164 -3.59 7.89 27.10
CA GLU A 164 -2.34 8.49 27.56
C GLU A 164 -1.23 7.45 27.67
N LEU A 165 -1.56 6.27 28.24
CA LEU A 165 -0.53 5.25 28.37
C LEU A 165 -0.14 4.68 27.03
N CYS A 166 -1.10 4.58 26.11
N CYS A 166 -1.09 4.57 26.09
CA CYS A 166 -0.80 4.12 24.76
CA CYS A 166 -0.76 4.11 24.75
C CYS A 166 0.18 5.06 24.07
C CYS A 166 0.20 5.07 24.08
N GLN A 167 -0.09 6.37 24.17
CA GLN A 167 0.81 7.38 23.60
C GLN A 167 2.19 7.35 24.24
N LEU A 168 2.27 7.14 25.56
CA LEU A 168 3.56 7.01 26.23
C LEU A 168 4.33 5.80 25.73
N ARG A 169 3.62 4.67 25.55
CA ARG A 169 4.25 3.50 24.96
C ARG A 169 4.65 3.78 23.52
N PHE A 170 3.78 4.46 22.76
CA PHE A 170 4.14 4.83 21.39
C PHE A 170 5.36 5.73 21.37
N ASN A 171 5.53 6.61 22.36
CA ASN A 171 6.73 7.45 22.32
C ASN A 171 8.00 6.62 22.36
N THR A 172 7.99 5.48 23.07
CA THR A 172 9.23 4.70 23.14
C THR A 172 9.63 4.09 21.80
N VAL A 173 8.71 3.97 20.84
CA VAL A 173 9.04 3.44 19.53
C VAL A 173 9.07 4.54 18.46
N PHE A 174 9.00 5.81 18.87
CA PHE A 174 9.01 6.92 17.93
C PHE A 174 10.44 7.21 17.51
N ASN A 175 10.68 7.20 16.20
CA ASN A 175 11.96 7.60 15.65
C ASN A 175 11.82 9.06 15.23
N ALA A 176 12.42 9.96 16.03
CA ALA A 176 12.26 11.39 15.76
C ALA A 176 13.09 11.84 14.56
N GLU A 177 14.07 11.06 14.14
CA GLU A 177 14.83 11.43 12.94
C GLU A 177 14.03 11.19 11.67
N THR A 178 13.20 10.15 11.65
CA THR A 178 12.43 9.80 10.47
C THR A 178 10.95 10.11 10.63
N GLY A 179 10.53 10.64 11.78
CA GLY A 179 9.11 10.91 11.98
C GLY A 179 8.25 9.67 11.87
N THR A 180 8.73 8.54 12.40
CA THR A 180 8.12 7.23 12.21
C THR A 180 7.97 6.50 13.54
N TRP A 181 6.78 5.97 13.80
CA TRP A 181 6.58 5.03 14.91
C TRP A 181 6.88 3.64 14.36
N GLU A 182 7.92 3.01 14.87
CA GLU A 182 8.40 1.71 14.40
C GLU A 182 7.81 0.59 15.26
N CYS A 183 6.78 -0.05 14.72
CA CYS A 183 6.02 -1.10 15.40
C CYS A 183 6.30 -2.49 14.84
N GLY A 184 7.56 -2.92 14.89
CA GLY A 184 7.96 -4.17 14.32
C GLY A 184 7.89 -4.11 12.80
N ARG A 185 7.11 -5.00 12.20
CA ARG A 185 6.95 -5.01 10.75
C ARG A 185 6.07 -3.87 10.27
N LEU A 186 5.29 -3.27 11.16
CA LEU A 186 4.44 -2.15 10.82
C LEU A 186 5.18 -0.88 11.20
N SER A 187 5.04 0.16 10.37
CA SER A 187 5.58 1.46 10.66
C SER A 187 4.55 2.51 10.29
N TYR A 188 4.42 3.55 11.12
CA TYR A 188 3.51 4.66 10.85
C TYR A 188 4.39 5.89 10.62
N CYS A 189 4.37 6.40 9.39
N CYS A 189 4.37 6.41 9.40
CA CYS A 189 5.28 7.45 8.95
CA CYS A 189 5.29 7.45 8.95
C CYS A 189 4.50 8.75 8.76
C CYS A 189 4.52 8.75 8.76
N LEU A 190 4.94 9.79 9.47
CA LEU A 190 4.37 11.11 9.30
C LEU A 190 4.63 11.59 7.87
N GLU A 191 3.57 12.00 7.18
CA GLU A 191 3.69 12.47 5.80
C GLU A 191 4.29 13.87 5.80
N ASP A 192 5.46 14.02 5.18
CA ASP A 192 6.16 15.31 5.19
C ASP A 192 5.62 16.23 4.11
N THR A 193 5.37 17.50 4.48
CA THR A 193 4.78 18.48 3.57
C THR A 193 5.75 19.64 3.29
N ALA A 194 5.21 20.79 2.86
CA ALA A 194 6.05 21.92 2.48
C ALA A 194 6.74 22.58 3.67
N GLY A 195 6.06 22.68 4.82
CA GLY A 195 6.62 23.28 6.01
C GLY A 195 7.63 22.45 6.78
N GLY A 196 7.70 21.14 6.51
CA GLY A 196 8.71 20.29 7.14
C GLY A 196 8.43 20.05 8.62
N PHE A 197 9.52 20.04 9.41
CA PHE A 197 9.42 19.77 10.86
C PHE A 197 8.48 20.75 11.54
N GLN A 198 8.68 22.04 11.28
CA GLN A 198 7.88 23.07 11.93
C GLN A 198 6.39 22.93 11.63
N GLN A 199 6.05 22.37 10.46
CA GLN A 199 4.64 22.09 10.16
C GLN A 199 4.09 21.02 11.10
N LEU A 200 4.86 19.97 11.34
CA LEU A 200 4.39 18.92 12.24
C LEU A 200 4.17 19.46 13.64
N LEU A 201 5.00 20.40 14.09
CA LEU A 201 4.82 20.93 15.44
C LEU A 201 3.50 21.68 15.62
N LEU A 202 2.78 22.01 14.54
CA LEU A 202 1.45 22.62 14.69
C LEU A 202 0.43 21.69 15.30
N GLU A 203 0.64 20.37 15.21
CA GLU A 203 -0.28 19.40 15.81
C GLU A 203 0.19 19.10 17.23
N PRO A 204 -0.63 19.35 18.26
CA PRO A 204 -0.15 19.10 19.64
C PRO A 204 0.28 17.67 19.92
N MET A 205 -0.34 16.68 19.31
CA MET A 205 0.12 15.31 19.52
C MET A 205 1.51 15.09 18.95
N LEU A 206 1.79 15.63 17.77
CA LEU A 206 3.13 15.51 17.21
C LEU A 206 4.16 16.27 18.04
N LYS A 207 3.84 17.50 18.45
CA LYS A 207 4.78 18.26 19.26
C LYS A 207 5.08 17.52 20.56
N PHE A 208 4.05 16.90 21.14
CA PHE A 208 4.27 16.04 22.30
C PHE A 208 5.31 14.97 22.04
N HIS A 209 5.18 14.23 20.94
CA HIS A 209 6.10 13.11 20.75
C HIS A 209 7.52 13.59 20.54
N TYR A 210 7.72 14.68 19.80
CA TYR A 210 9.07 15.20 19.59
C TYR A 210 9.67 15.71 20.91
N MET A 211 8.89 16.47 21.67
N MET A 211 8.89 16.47 21.68
CA MET A 211 9.39 17.05 22.92
CA MET A 211 9.42 17.05 22.91
C MET A 211 9.72 15.98 23.95
C MET A 211 9.72 15.98 23.95
N LEU A 212 8.85 14.98 24.10
CA LEU A 212 9.14 13.90 25.04
C LEU A 212 10.37 13.11 24.61
N LYS A 213 10.50 12.80 23.32
CA LYS A 213 11.64 12.00 22.86
C LYS A 213 12.95 12.72 23.17
N LYS A 214 12.95 14.06 23.04
CA LYS A 214 14.14 14.88 23.29
C LYS A 214 14.59 14.79 24.74
N LEU A 215 13.68 14.47 25.66
CA LEU A 215 14.10 14.30 27.03
C LEU A 215 14.93 13.03 27.24
N GLN A 216 14.95 12.12 26.27
CA GLN A 216 15.82 10.94 26.32
C GLN A 216 15.63 10.16 27.62
N LEU A 217 14.38 9.80 27.90
CA LEU A 217 14.05 9.20 29.19
C LEU A 217 14.49 7.73 29.22
N HIS A 218 14.76 7.23 30.43
CA HIS A 218 15.05 5.81 30.60
C HIS A 218 13.74 5.02 30.64
N GLU A 219 13.83 3.69 30.46
CA GLU A 219 12.66 2.82 30.60
C GLU A 219 11.95 3.07 31.93
N GLU A 220 12.73 3.26 33.00
CA GLU A 220 12.19 3.45 34.34
C GLU A 220 11.42 4.75 34.48
N GLU A 221 11.90 5.82 33.85
CA GLU A 221 11.15 7.07 33.85
C GLU A 221 9.86 6.92 33.05
N TYR A 222 9.91 6.25 31.90
CA TYR A 222 8.69 5.99 31.14
C TYR A 222 7.67 5.21 31.96
N VAL A 223 8.08 4.16 32.66
CA VAL A 223 7.06 3.38 33.35
C VAL A 223 6.50 4.16 34.55
N LEU A 224 7.32 5.02 35.17
CA LEU A 224 6.80 5.84 36.25
C LEU A 224 5.83 6.90 35.73
N MET A 225 6.11 7.45 34.54
CA MET A 225 5.14 8.33 33.89
C MET A 225 3.82 7.63 33.67
N GLN A 226 3.86 6.37 33.24
CA GLN A 226 2.63 5.65 33.00
C GLN A 226 1.85 5.48 34.30
N ALA A 227 2.56 5.22 35.39
CA ALA A 227 1.91 5.07 36.69
C ALA A 227 1.28 6.37 37.15
N ILE A 228 1.99 7.49 37.01
CA ILE A 228 1.41 8.77 37.41
C ILE A 228 0.18 9.07 36.57
N SER A 229 0.21 8.74 35.29
CA SER A 229 -0.96 8.98 34.45
C SER A 229 -2.14 8.10 34.88
N LEU A 230 -1.88 6.81 35.12
CA LEU A 230 -2.93 5.87 35.47
C LEU A 230 -3.61 6.27 36.78
N PHE A 231 -2.82 6.65 37.78
CA PHE A 231 -3.36 7.00 39.09
C PHE A 231 -3.68 8.49 39.18
N SER A 232 -4.45 9.01 38.24
CA SER A 232 -4.88 10.39 38.29
C SER A 232 -6.18 10.48 39.08
N PRO A 233 -6.19 11.13 40.25
CA PRO A 233 -7.39 11.16 41.08
C PRO A 233 -8.54 11.94 40.48
N ASP A 234 -8.29 12.76 39.47
CA ASP A 234 -9.29 13.68 38.93
C ASP A 234 -10.01 13.14 37.68
N ARG A 235 -9.90 11.85 37.38
CA ARG A 235 -10.66 11.32 36.25
C ARG A 235 -12.13 11.24 36.66
N PRO A 236 -13.06 11.50 35.74
CA PRO A 236 -14.48 11.30 36.03
C PRO A 236 -14.76 9.88 36.53
N GLY A 237 -15.58 9.78 37.58
CA GLY A 237 -15.99 8.48 38.06
C GLY A 237 -15.14 7.90 39.16
N VAL A 238 -14.08 8.57 39.57
CA VAL A 238 -13.24 8.07 40.65
C VAL A 238 -13.84 8.51 41.98
N LEU A 239 -14.22 7.53 42.80
CA LEU A 239 -14.80 7.78 44.11
C LEU A 239 -13.73 7.93 45.17
N GLN A 240 -12.72 7.05 45.13
CA GLN A 240 -11.64 7.10 46.12
C GLN A 240 -10.56 8.10 45.72
N HIS A 241 -10.99 9.37 45.62
CA HIS A 241 -10.11 10.45 45.19
C HIS A 241 -8.85 10.52 46.05
N ARG A 242 -8.99 10.42 47.37
CA ARG A 242 -7.86 10.58 48.26
C ARG A 242 -6.85 9.43 48.13
N VAL A 243 -7.32 8.19 48.02
CA VAL A 243 -6.41 7.04 47.93
C VAL A 243 -5.56 7.12 46.66
N VAL A 244 -6.20 7.39 45.53
CA VAL A 244 -5.50 7.49 44.26
C VAL A 244 -4.52 8.66 44.28
N ASP A 245 -4.94 9.82 44.85
CA ASP A 245 -4.08 10.99 44.95
C ASP A 245 -2.81 10.69 45.74
N GLN A 246 -2.95 9.92 46.83
CA GLN A 246 -1.78 9.55 47.64
C GLN A 246 -0.86 8.57 46.91
N LEU A 247 -1.44 7.61 46.17
CA LEU A 247 -0.64 6.69 45.38
C LEU A 247 0.07 7.42 44.25
N GLN A 248 -0.64 8.33 43.58
CA GLN A 248 -0.01 9.11 42.51
C GLN A 248 1.20 9.86 43.03
N GLU A 249 1.10 10.39 44.25
CA GLU A 249 2.21 11.15 44.81
C GLU A 249 3.40 10.25 45.14
N GLN A 250 3.16 9.00 45.55
CA GLN A 250 4.29 8.11 45.83
C GLN A 250 5.03 7.74 44.55
N PHE A 251 4.31 7.56 43.44
CA PHE A 251 5.00 7.35 42.17
C PHE A 251 5.80 8.60 41.77
N ALA A 252 5.23 9.79 41.98
CA ALA A 252 5.93 11.02 41.64
C ALA A 252 7.19 11.19 42.49
N ILE A 253 7.08 10.91 43.79
CA ILE A 253 8.25 10.96 44.68
C ILE A 253 9.31 9.96 44.24
N THR A 254 8.89 8.76 43.84
CA THR A 254 9.86 7.78 43.37
C THR A 254 10.54 8.24 42.09
N LEU A 255 9.79 8.85 41.18
CA LEU A 255 10.40 9.40 39.97
C LEU A 255 11.43 10.48 40.32
N LYS A 256 11.07 11.42 41.20
CA LYS A 256 11.98 12.48 41.59
C LYS A 256 13.27 11.89 42.17
N SER A 257 13.15 10.87 43.04
CA SER A 257 14.34 10.26 43.65
C SER A 257 15.19 9.54 42.61
N TYR A 258 14.56 8.81 41.70
CA TYR A 258 15.30 8.12 40.64
C TYR A 258 16.17 9.10 39.85
N ILE A 259 15.58 10.24 39.45
CA ILE A 259 16.33 11.23 38.67
C ILE A 259 17.49 11.78 39.49
N GLU A 260 17.24 12.09 40.76
CA GLU A 260 18.30 12.61 41.61
C GLU A 260 19.43 11.59 41.76
N CYS A 261 19.08 10.29 41.87
CA CYS A 261 20.10 9.27 42.09
C CYS A 261 20.85 8.87 40.83
N ASN A 262 20.18 8.74 39.68
CA ASN A 262 20.82 8.18 38.49
C ASN A 262 21.15 9.21 37.42
N ARG A 263 20.77 10.47 37.61
CA ARG A 263 21.06 11.54 36.66
C ARG A 263 21.46 12.74 37.49
N PRO A 264 22.64 12.70 38.12
CA PRO A 264 23.03 13.78 39.04
C PRO A 264 23.53 15.00 38.31
N GLN A 265 23.70 14.91 37.01
CA GLN A 265 24.24 16.02 36.23
C GLN A 265 23.37 17.25 36.42
N PRO A 266 23.98 18.43 36.63
CA PRO A 266 23.19 19.65 36.77
C PRO A 266 22.40 19.96 35.51
N ALA A 267 22.69 19.25 34.42
CA ALA A 267 21.89 19.39 33.21
C ALA A 267 20.47 18.86 33.42
N HIS A 268 20.24 18.04 34.44
CA HIS A 268 18.94 17.44 34.73
C HIS A 268 18.28 18.03 35.96
N ARG A 269 18.60 19.30 36.26
CA ARG A 269 18.05 19.96 37.44
C ARG A 269 16.53 19.98 37.41
N PHE A 270 15.96 20.31 36.26
CA PHE A 270 14.51 20.42 36.15
C PHE A 270 13.86 19.27 35.37
N LEU A 271 14.57 18.14 35.20
CA LEU A 271 14.02 17.04 34.39
C LEU A 271 12.67 16.58 34.91
N PHE A 272 12.53 16.44 36.22
CA PHE A 272 11.28 15.94 36.80
C PHE A 272 10.12 16.88 36.46
N LEU A 273 10.30 18.18 36.67
CA LEU A 273 9.22 19.11 36.34
C LEU A 273 8.95 19.12 34.84
N LYS A 274 9.98 18.87 34.02
CA LYS A 274 9.75 18.81 32.58
C LYS A 274 8.89 17.62 32.20
N ILE A 275 9.10 16.47 32.85
CA ILE A 275 8.25 15.29 32.64
C ILE A 275 6.81 15.61 33.06
N MET A 276 6.65 16.21 34.24
CA MET A 276 5.30 16.54 34.71
C MET A 276 4.60 17.48 33.73
N ALA A 277 5.33 18.44 33.16
CA ALA A 277 4.70 19.33 32.19
C ALA A 277 4.26 18.54 30.96
N MET A 278 5.03 17.52 30.58
CA MET A 278 4.60 16.68 29.47
C MET A 278 3.31 15.94 29.79
N LEU A 279 3.16 15.48 31.03
CA LEU A 279 1.94 14.82 31.44
C LEU A 279 0.75 15.78 31.42
N THR A 280 0.98 17.05 31.79
CA THR A 280 -0.09 18.05 31.71
C THR A 280 -0.52 18.24 30.25
N GLU A 281 0.45 18.29 29.33
CA GLU A 281 0.13 18.42 27.90
C GLU A 281 -0.58 17.17 27.38
N LEU A 282 -0.20 15.98 27.88
CA LEU A 282 -0.85 14.75 27.44
C LEU A 282 -2.33 14.75 27.81
N ARG A 283 -2.68 15.32 28.97
CA ARG A 283 -4.08 15.41 29.38
C ARG A 283 -4.88 16.28 28.43
N SER A 284 -4.29 17.37 27.94
CA SER A 284 -4.99 18.22 26.99
C SER A 284 -5.14 17.52 25.66
N ILE A 285 -4.11 16.81 25.20
CA ILE A 285 -4.23 16.04 23.97
C ILE A 285 -5.26 14.93 24.14
N ASN A 286 -5.30 14.31 25.31
CA ASN A 286 -6.31 13.28 25.59
C ASN A 286 -7.72 13.83 25.42
N ALA A 287 -7.99 15.03 25.98
CA ALA A 287 -9.32 15.61 25.86
C ALA A 287 -9.68 15.90 24.41
N GLN A 288 -8.75 16.49 23.65
CA GLN A 288 -9.00 16.78 22.25
C GLN A 288 -9.21 15.51 21.42
N HIS A 289 -8.39 14.49 21.65
CA HIS A 289 -8.54 13.24 20.90
C HIS A 289 -9.88 12.56 21.21
N THR A 290 -10.28 12.56 22.48
CA THR A 290 -11.60 12.03 22.82
C THR A 290 -12.70 12.76 22.04
N GLN A 291 -12.72 14.10 22.10
CA GLN A 291 -13.70 14.86 21.33
C GLN A 291 -13.63 14.55 19.84
N ARG A 292 -12.42 14.46 19.30
CA ARG A 292 -12.27 14.12 17.88
C ARG A 292 -12.81 12.73 17.60
N LEU A 293 -12.42 11.75 18.41
CA LEU A 293 -12.87 10.39 18.19
C LEU A 293 -14.39 10.31 18.20
N LEU A 294 -15.02 11.00 19.16
CA LEU A 294 -16.47 10.93 19.26
C LEU A 294 -17.15 11.48 18.02
N ARG A 295 -16.66 12.60 17.49
CA ARG A 295 -17.23 13.19 16.29
C ARG A 295 -17.10 12.25 15.09
N ILE A 296 -15.93 11.66 14.91
CA ILE A 296 -15.75 10.75 13.78
C ILE A 296 -16.71 9.58 13.91
N GLN A 297 -16.83 9.04 15.13
CA GLN A 297 -17.70 7.90 15.37
C GLN A 297 -19.17 8.22 15.05
N ASP A 298 -19.60 9.47 15.33
CA ASP A 298 -20.98 9.87 15.07
C ASP A 298 -21.34 9.75 13.58
N ILE A 299 -20.47 10.23 12.69
CA ILE A 299 -20.77 10.19 11.26
C ILE A 299 -20.28 8.91 10.57
N HIS A 300 -19.32 8.19 11.13
CA HIS A 300 -18.82 6.94 10.55
C HIS A 300 -18.40 6.02 11.71
N PRO A 301 -19.24 5.07 12.10
CA PRO A 301 -18.89 4.13 13.17
C PRO A 301 -17.67 3.30 12.82
N PHE A 302 -16.69 3.28 13.75
CA PHE A 302 -15.44 2.53 13.59
C PHE A 302 -14.97 1.86 14.87
N ALA A 303 -15.35 2.38 16.03
CA ALA A 303 -14.86 1.91 17.31
C ALA A 303 -15.18 0.44 17.55
N THR A 304 -14.18 -0.32 17.98
CA THR A 304 -14.39 -1.70 18.39
C THR A 304 -15.16 -1.75 19.70
N PRO A 305 -15.75 -2.91 20.03
CA PRO A 305 -16.45 -3.04 21.32
C PRO A 305 -15.63 -2.57 22.52
N LEU A 306 -14.33 -2.91 22.59
CA LEU A 306 -13.55 -2.44 23.73
C LEU A 306 -13.40 -0.93 23.70
N MET A 307 -13.15 -0.36 22.52
CA MET A 307 -13.05 1.10 22.42
C MET A 307 -14.35 1.76 22.86
N GLN A 308 -15.48 1.19 22.44
CA GLN A 308 -16.76 1.77 22.84
C GLN A 308 -16.86 1.87 24.35
N GLU A 309 -16.42 0.83 25.06
CA GLU A 309 -16.50 0.86 26.52
C GLU A 309 -15.57 1.91 27.10
N LEU A 310 -14.36 2.01 26.55
CA LEU A 310 -13.40 2.96 27.10
C LEU A 310 -13.84 4.40 26.87
N PHE A 311 -14.52 4.66 25.76
CA PHE A 311 -14.85 6.04 25.43
C PHE A 311 -16.33 6.35 25.65
N GLY A 312 -17.10 5.45 26.23
CA GLY A 312 -18.46 5.82 26.54
C GLY A 312 -19.42 5.82 25.36
N ILE A 313 -19.07 5.15 24.26
CA ILE A 313 -19.96 5.06 23.11
C ILE A 313 -20.99 3.96 23.32
N THR A 314 -22.28 4.28 23.12
CA THR A 314 -23.38 3.36 23.41
C THR A 314 -23.33 2.07 22.58
N GLY B 24 -5.24 10.75 -46.99
CA GLY B 24 -4.89 10.59 -48.39
C GLY B 24 -4.74 9.13 -48.76
N LEU B 25 -5.58 8.30 -48.15
CA LEU B 25 -5.55 6.85 -48.29
C LEU B 25 -6.70 6.32 -49.14
N THR B 26 -6.49 5.15 -49.76
CA THR B 26 -7.62 4.49 -50.40
C THR B 26 -8.65 4.07 -49.36
N GLU B 27 -9.88 3.84 -49.81
CA GLU B 27 -10.91 3.44 -48.85
C GLU B 27 -10.56 2.10 -48.22
N GLU B 28 -10.07 1.15 -49.02
CA GLU B 28 -9.62 -0.14 -48.50
C GLU B 28 -8.62 0.04 -47.37
N GLN B 29 -7.74 1.04 -47.50
CA GLN B 29 -6.71 1.29 -46.50
C GLN B 29 -7.31 2.02 -45.31
N ARG B 30 -8.13 3.04 -45.59
CA ARG B 30 -8.81 3.77 -44.53
C ARG B 30 -9.75 2.86 -43.75
N MET B 31 -10.35 1.87 -44.42
CA MET B 31 -11.17 0.90 -43.72
C MET B 31 -10.32 0.00 -42.86
N MET B 32 -9.21 -0.48 -43.42
CA MET B 32 -8.25 -1.31 -42.70
C MET B 32 -7.87 -0.70 -41.35
N ILE B 33 -7.60 0.60 -41.34
CA ILE B 33 -7.21 1.27 -40.10
C ILE B 33 -8.39 1.34 -39.12
N ARG B 34 -9.61 1.55 -39.65
CA ARG B 34 -10.81 1.62 -38.81
C ARG B 34 -11.05 0.32 -38.04
N GLU B 35 -11.00 -0.81 -38.74
CA GLU B 35 -11.17 -2.10 -38.08
C GLU B 35 -10.09 -2.34 -37.05
N LEU B 36 -8.84 -2.01 -37.38
CA LEU B 36 -7.74 -2.18 -36.45
C LEU B 36 -7.90 -1.27 -35.23
N MET B 37 -8.29 -0.02 -35.44
CA MET B 37 -8.42 0.91 -34.34
C MET B 37 -9.62 0.57 -33.45
N ASP B 38 -10.72 0.11 -34.06
CA ASP B 38 -11.89 -0.31 -33.29
C ASP B 38 -11.55 -1.55 -32.45
N ALA B 39 -10.82 -2.49 -33.05
CA ALA B 39 -10.34 -3.65 -32.30
C ALA B 39 -9.49 -3.23 -31.11
N GLN B 40 -8.56 -2.29 -31.31
CA GLN B 40 -7.72 -1.82 -30.22
C GLN B 40 -8.57 -1.25 -29.09
N MET B 41 -9.52 -0.38 -29.45
CA MET B 41 -10.38 0.28 -28.48
C MET B 41 -11.20 -0.72 -27.66
N LYS B 42 -11.65 -1.81 -28.30
CA LYS B 42 -12.53 -2.77 -27.66
C LYS B 42 -11.80 -3.86 -26.88
N THR B 43 -10.52 -4.10 -27.17
CA THR B 43 -9.81 -5.21 -26.58
C THR B 43 -8.61 -4.78 -25.74
N PHE B 44 -8.25 -3.50 -25.70
CA PHE B 44 -7.13 -3.05 -24.89
C PHE B 44 -7.70 -2.32 -23.66
N ASP B 45 -7.71 -3.03 -22.53
CA ASP B 45 -8.05 -2.46 -21.22
C ASP B 45 -6.85 -1.64 -20.71
N THR B 46 -6.76 -0.40 -21.21
CA THR B 46 -5.60 0.45 -20.95
C THR B 46 -5.44 0.75 -19.47
N THR B 47 -6.56 0.88 -18.77
CA THR B 47 -6.54 1.20 -17.35
C THR B 47 -6.44 -0.04 -16.47
N PHE B 48 -6.42 -1.24 -17.05
CA PHE B 48 -6.45 -2.48 -16.28
C PHE B 48 -7.66 -2.51 -15.35
N SER B 49 -8.75 -1.90 -15.79
CA SER B 49 -9.93 -1.79 -14.95
C SER B 49 -10.59 -3.14 -14.71
N HIS B 50 -10.34 -4.13 -15.56
CA HIS B 50 -10.91 -5.45 -15.39
C HIS B 50 -9.88 -6.52 -15.04
N PHE B 51 -8.66 -6.11 -14.71
CA PHE B 51 -7.66 -7.06 -14.24
C PHE B 51 -7.92 -7.34 -12.76
N LYS B 52 -8.31 -8.57 -12.44
CA LYS B 52 -8.74 -8.91 -11.10
C LYS B 52 -8.25 -10.31 -10.73
N ASN B 53 -8.35 -10.62 -9.44
CA ASN B 53 -8.01 -11.94 -8.94
C ASN B 53 -6.58 -12.31 -9.34
N PHE B 54 -5.67 -11.35 -9.20
CA PHE B 54 -4.27 -11.55 -9.55
C PHE B 54 -3.46 -11.76 -8.28
N ARG B 55 -2.39 -12.55 -8.41
CA ARG B 55 -1.50 -12.78 -7.29
C ARG B 55 -0.65 -11.54 -7.05
N LEU B 56 -0.23 -11.34 -5.80
CA LEU B 56 0.50 -10.14 -5.44
C LEU B 56 1.81 -10.49 -4.76
N PRO B 57 2.85 -9.68 -4.99
CA PRO B 57 4.15 -9.92 -4.34
C PRO B 57 4.01 -9.79 -2.83
N GLY B 58 4.57 -10.76 -2.09
CA GLY B 58 4.49 -10.77 -0.64
C GLY B 58 3.10 -10.97 -0.04
N VAL B 59 2.21 -11.64 -0.76
CA VAL B 59 0.84 -11.85 -0.31
C VAL B 59 0.24 -13.07 -0.99
N LYS B 92 14.23 -6.59 -10.44
CA LYS B 92 13.75 -5.59 -9.50
C LYS B 92 12.70 -4.67 -10.15
N VAL B 93 11.42 -4.95 -9.90
CA VAL B 93 10.30 -4.15 -10.40
C VAL B 93 9.58 -3.57 -9.19
N SER B 94 9.17 -2.31 -9.28
CA SER B 94 8.35 -1.70 -8.23
C SER B 94 6.91 -1.66 -8.73
N LEU B 95 5.97 -2.09 -7.91
CA LEU B 95 4.55 -2.14 -8.29
C LEU B 95 3.76 -1.11 -7.50
N GLN B 96 2.95 -0.29 -8.18
CA GLN B 96 2.05 0.66 -7.53
C GLN B 96 0.63 0.25 -7.87
N LEU B 97 -0.22 0.08 -6.86
CA LEU B 97 -1.63 -0.26 -7.04
C LEU B 97 -2.44 0.94 -6.59
N ARG B 98 -3.13 1.60 -7.52
CA ARG B 98 -3.86 2.83 -7.23
C ARG B 98 -5.36 2.58 -7.23
N GLY B 99 -6.03 2.90 -6.12
CA GLY B 99 -7.48 2.75 -6.02
C GLY B 99 -8.21 3.96 -6.57
N GLU B 100 -9.53 3.81 -6.76
CA GLU B 100 -10.30 4.92 -7.31
C GLU B 100 -10.21 6.17 -6.43
N ASP B 101 -10.14 5.98 -5.10
CA ASP B 101 -10.05 7.08 -4.14
C ASP B 101 -8.78 7.91 -4.28
N GLY B 102 -7.79 7.45 -5.02
CA GLY B 102 -6.51 8.11 -5.03
C GLY B 102 -5.50 7.51 -4.06
N SER B 103 -5.89 6.49 -3.30
CA SER B 103 -4.95 5.83 -2.42
C SER B 103 -3.99 4.97 -3.25
N VAL B 104 -2.77 4.80 -2.76
CA VAL B 104 -1.74 4.05 -3.48
C VAL B 104 -1.08 3.05 -2.54
N TRP B 105 -1.07 1.79 -2.92
CA TRP B 105 -0.24 0.77 -2.29
C TRP B 105 1.01 0.56 -3.14
N ASN B 106 2.18 0.76 -2.56
CA ASN B 106 3.46 0.63 -3.26
C ASN B 106 4.23 -0.59 -2.76
N TYR B 107 4.71 -1.43 -3.68
CA TYR B 107 5.56 -2.57 -3.35
C TYR B 107 6.99 -2.25 -3.78
N LYS B 108 7.93 -2.22 -2.81
CA LYS B 108 9.36 -2.07 -3.12
C LYS B 108 10.01 -3.44 -2.98
N PRO B 109 10.80 -3.89 -3.95
CA PRO B 109 11.33 -5.28 -3.89
C PRO B 109 12.43 -5.41 -2.86
N PRO B 110 12.74 -6.63 -2.39
CA PRO B 110 13.79 -6.85 -1.38
C PRO B 110 15.19 -6.45 -1.83
N SER B 120 9.08 -13.74 -6.30
CA SER B 120 8.00 -13.24 -5.46
C SER B 120 7.08 -12.33 -6.27
N LEU B 121 7.62 -11.56 -7.20
CA LEU B 121 6.80 -10.82 -8.16
C LEU B 121 6.48 -11.64 -9.39
N LEU B 122 7.21 -12.73 -9.63
CA LEU B 122 7.02 -13.53 -10.84
C LEU B 122 5.59 -14.03 -10.98
N PRO B 123 4.95 -14.60 -9.95
CA PRO B 123 3.52 -14.94 -10.07
C PRO B 123 2.63 -13.81 -10.55
N HIS B 124 2.80 -12.61 -9.98
CA HIS B 124 1.99 -11.47 -10.38
C HIS B 124 2.18 -11.16 -11.86
N MET B 125 3.44 -11.12 -12.32
CA MET B 125 3.71 -10.77 -13.70
C MET B 125 3.15 -11.81 -14.66
N ALA B 126 3.15 -13.08 -14.24
CA ALA B 126 2.54 -14.11 -15.05
C ALA B 126 1.04 -13.88 -15.18
N ASP B 127 0.39 -13.45 -14.10
CA ASP B 127 -1.03 -13.13 -14.17
C ASP B 127 -1.30 -11.92 -15.05
N MET B 128 -0.46 -10.88 -14.92
CA MET B 128 -0.61 -9.67 -15.72
C MET B 128 -0.36 -9.95 -17.20
N SER B 129 0.70 -10.71 -17.50
CA SER B 129 1.00 -11.04 -18.89
C SER B 129 -0.15 -11.83 -19.50
N THR B 130 -0.65 -12.82 -18.76
CA THR B 130 -1.77 -13.62 -19.25
C THR B 130 -2.99 -12.74 -19.50
N TYR B 131 -3.25 -11.80 -18.61
CA TYR B 131 -4.33 -10.85 -18.87
C TYR B 131 -4.10 -10.09 -20.17
N MET B 132 -2.87 -9.58 -20.37
CA MET B 132 -2.58 -8.87 -21.61
C MET B 132 -2.74 -9.79 -22.81
N PHE B 133 -2.29 -11.05 -22.68
CA PHE B 133 -2.40 -12.01 -23.79
C PHE B 133 -3.85 -12.24 -24.17
N LYS B 134 -4.74 -12.32 -23.18
CA LYS B 134 -6.16 -12.51 -23.44
C LYS B 134 -6.71 -11.35 -24.27
N GLY B 135 -6.29 -10.12 -23.94
CA GLY B 135 -6.68 -8.96 -24.71
C GLY B 135 -6.18 -9.00 -26.15
N ILE B 136 -5.00 -9.59 -26.36
CA ILE B 136 -4.41 -9.68 -27.69
C ILE B 136 -5.10 -10.76 -28.52
N ILE B 137 -5.47 -11.88 -27.91
CA ILE B 137 -6.28 -12.88 -28.60
C ILE B 137 -7.61 -12.27 -29.00
N SER B 138 -8.21 -11.49 -28.11
CA SER B 138 -9.47 -10.82 -28.41
C SER B 138 -9.30 -9.81 -29.54
N PHE B 139 -8.17 -9.11 -29.56
CA PHE B 139 -7.85 -8.19 -30.67
C PHE B 139 -7.81 -8.91 -32.00
N ALA B 140 -7.11 -10.04 -32.06
CA ALA B 140 -7.00 -10.78 -33.32
C ALA B 140 -8.36 -11.30 -33.79
N LYS B 141 -9.17 -11.83 -32.87
CA LYS B 141 -10.48 -12.41 -33.19
C LYS B 141 -11.44 -11.37 -33.80
N VAL B 142 -11.30 -10.09 -33.46
CA VAL B 142 -12.23 -9.06 -33.95
C VAL B 142 -11.76 -8.41 -35.26
N ILE B 143 -10.65 -8.88 -35.84
CA ILE B 143 -10.15 -8.44 -37.15
C ILE B 143 -10.62 -9.43 -38.21
N SER B 144 -11.33 -8.94 -39.24
CA SER B 144 -11.83 -9.80 -40.32
C SER B 144 -10.74 -10.66 -40.96
N TYR B 145 -9.62 -10.04 -41.32
CA TYR B 145 -8.58 -10.76 -42.06
C TYR B 145 -8.02 -11.93 -41.25
N PHE B 146 -8.02 -11.81 -39.91
CA PHE B 146 -7.53 -12.89 -39.05
C PHE B 146 -8.57 -14.00 -38.90
N ARG B 147 -9.83 -13.61 -38.72
CA ARG B 147 -10.90 -14.57 -38.50
C ARG B 147 -11.10 -15.50 -39.70
N ASP B 148 -10.85 -15.01 -40.91
CA ASP B 148 -11.00 -15.78 -42.14
C ASP B 148 -9.92 -16.82 -42.37
N LEU B 149 -8.82 -16.81 -41.60
CA LEU B 149 -7.73 -17.76 -41.75
C LEU B 149 -8.10 -19.10 -41.12
N PRO B 150 -7.51 -20.22 -41.60
CA PRO B 150 -7.74 -21.49 -40.91
C PRO B 150 -7.34 -21.40 -39.44
N ILE B 151 -8.10 -22.08 -38.58
CA ILE B 151 -7.91 -21.95 -37.14
C ILE B 151 -6.47 -22.31 -36.76
N GLU B 152 -5.88 -23.29 -37.44
CA GLU B 152 -4.52 -23.69 -37.12
C GLU B 152 -3.53 -22.57 -37.39
N ASP B 153 -3.78 -21.77 -38.42
CA ASP B 153 -2.92 -20.63 -38.73
C ASP B 153 -3.17 -19.49 -37.76
N GLN B 154 -4.44 -19.30 -37.36
CA GLN B 154 -4.75 -18.36 -36.29
C GLN B 154 -3.96 -18.72 -35.04
N ILE B 155 -3.95 -20.00 -34.69
CA ILE B 155 -3.21 -20.42 -33.49
C ILE B 155 -1.72 -20.19 -33.68
N SER B 156 -1.17 -20.59 -34.81
CA SER B 156 0.26 -20.41 -35.07
C SER B 156 0.64 -18.94 -35.04
N LEU B 157 -0.20 -18.08 -35.63
CA LEU B 157 0.11 -16.65 -35.66
C LEU B 157 0.10 -16.05 -34.27
N LEU B 158 -0.88 -16.44 -33.43
CA LEU B 158 -0.96 -15.91 -32.08
C LEU B 158 0.17 -16.42 -31.20
N LYS B 159 0.60 -17.68 -31.39
CA LYS B 159 1.72 -18.19 -30.60
C LYS B 159 3.00 -17.40 -30.86
N GLY B 160 3.22 -17.01 -32.13
CA GLY B 160 4.44 -16.32 -32.51
C GLY B 160 4.46 -14.84 -32.24
N ALA B 161 3.30 -14.19 -32.16
CA ALA B 161 3.24 -12.75 -32.01
C ALA B 161 2.73 -12.27 -30.66
N ALA B 162 2.32 -13.17 -29.77
CA ALA B 162 1.68 -12.75 -28.51
C ALA B 162 2.58 -11.81 -27.70
N PHE B 163 3.82 -12.23 -27.44
CA PHE B 163 4.78 -11.40 -26.69
C PHE B 163 5.01 -10.07 -27.37
N GLU B 164 5.10 -10.07 -28.70
CA GLU B 164 5.41 -8.86 -29.44
C GLU B 164 4.28 -7.83 -29.31
N LEU B 165 3.02 -8.27 -29.48
CA LEU B 165 1.89 -7.35 -29.42
C LEU B 165 1.67 -6.81 -28.02
N CYS B 166 1.95 -7.63 -27.00
N CYS B 166 1.95 -7.62 -26.99
CA CYS B 166 1.89 -7.16 -25.63
CA CYS B 166 1.88 -7.12 -25.63
C CYS B 166 2.93 -6.06 -25.37
C CYS B 166 2.93 -6.05 -25.38
N GLN B 167 4.16 -6.29 -25.85
CA GLN B 167 5.21 -5.27 -25.70
C GLN B 167 4.84 -3.99 -26.45
N LEU B 168 4.25 -4.11 -27.64
CA LEU B 168 3.79 -2.93 -28.37
C LEU B 168 2.68 -2.19 -27.60
N ARG B 169 1.72 -2.94 -27.05
CA ARG B 169 0.69 -2.33 -26.24
C ARG B 169 1.27 -1.70 -24.98
N PHE B 170 2.20 -2.40 -24.33
CA PHE B 170 2.88 -1.83 -23.17
C PHE B 170 3.68 -0.58 -23.54
N ASN B 171 4.23 -0.54 -24.76
CA ASN B 171 4.94 0.68 -25.12
C ASN B 171 4.03 1.90 -25.13
N THR B 172 2.74 1.72 -25.49
CA THR B 172 1.83 2.87 -25.55
C THR B 172 1.52 3.47 -24.17
N VAL B 173 1.79 2.76 -23.08
CA VAL B 173 1.60 3.27 -21.73
C VAL B 173 2.93 3.52 -21.03
N PHE B 174 4.04 3.46 -21.77
CA PHE B 174 5.37 3.65 -21.21
C PHE B 174 5.72 5.14 -21.09
N ASN B 175 6.11 5.56 -19.89
CA ASN B 175 6.60 6.90 -19.64
C ASN B 175 8.13 6.88 -19.61
N ALA B 176 8.76 7.42 -20.66
CA ALA B 176 10.23 7.39 -20.77
C ALA B 176 10.94 8.35 -19.82
N GLU B 177 10.24 9.36 -19.28
CA GLU B 177 10.84 10.26 -18.30
C GLU B 177 10.98 9.62 -16.92
N THR B 178 10.09 8.68 -16.57
CA THR B 178 10.12 8.01 -15.28
C THR B 178 10.50 6.53 -15.34
N GLY B 179 10.66 5.96 -16.53
CA GLY B 179 10.88 4.53 -16.67
C GLY B 179 9.76 3.67 -16.12
N THR B 180 8.51 4.09 -16.31
CA THR B 180 7.36 3.46 -15.67
C THR B 180 6.31 3.17 -16.72
N TRP B 181 5.78 1.94 -16.72
CA TRP B 181 4.61 1.61 -17.53
C TRP B 181 3.37 1.96 -16.72
N GLU B 182 2.63 2.99 -17.15
CA GLU B 182 1.51 3.53 -16.37
C GLU B 182 0.22 2.90 -16.89
N CYS B 183 -0.23 1.83 -16.22
CA CYS B 183 -1.38 1.08 -16.71
C CYS B 183 -2.61 1.36 -15.85
N GLY B 184 -2.88 2.63 -15.61
CA GLY B 184 -4.05 2.97 -14.81
C GLY B 184 -3.96 2.54 -13.36
N ARG B 185 -4.79 1.56 -13.02
CA ARG B 185 -4.83 1.06 -11.65
C ARG B 185 -3.53 0.37 -11.24
N LEU B 186 -2.71 -0.06 -12.20
CA LEU B 186 -1.42 -0.67 -11.89
C LEU B 186 -0.30 0.14 -12.56
N SER B 187 0.87 0.22 -11.91
CA SER B 187 2.04 0.85 -12.51
C SER B 187 3.28 0.03 -12.21
N TYR B 188 4.14 -0.16 -13.21
CA TYR B 188 5.35 -0.96 -13.06
C TYR B 188 6.55 -0.05 -13.30
N CYS B 189 7.34 0.17 -12.26
CA CYS B 189 8.48 1.07 -12.32
C CYS B 189 9.76 0.26 -12.27
N LEU B 190 10.77 0.74 -12.99
CA LEU B 190 12.03 0.05 -13.11
C LEU B 190 13.02 0.61 -12.07
N GLU B 203 19.20 -4.40 -20.59
CA GLU B 203 18.22 -5.27 -21.22
C GLU B 203 17.80 -4.70 -22.58
N PRO B 204 17.84 -5.55 -23.63
CA PRO B 204 17.36 -5.10 -24.94
C PRO B 204 15.90 -4.73 -24.92
N MET B 205 15.13 -5.27 -23.97
CA MET B 205 13.72 -4.94 -23.83
C MET B 205 13.54 -3.48 -23.44
N LEU B 206 14.28 -3.04 -22.42
CA LEU B 206 14.25 -1.65 -22.01
C LEU B 206 14.65 -0.75 -23.17
N LYS B 207 15.71 -1.14 -23.88
CA LYS B 207 16.21 -0.37 -25.02
C LYS B 207 15.15 -0.23 -26.10
N PHE B 208 14.48 -1.34 -26.43
CA PHE B 208 13.37 -1.30 -27.37
C PHE B 208 12.34 -0.27 -26.92
N HIS B 209 11.97 -0.30 -25.63
CA HIS B 209 10.89 0.56 -25.17
C HIS B 209 11.29 2.03 -25.24
N TYR B 210 12.53 2.36 -24.86
CA TYR B 210 12.98 3.74 -24.98
C TYR B 210 13.10 4.17 -26.44
N MET B 211 13.56 3.27 -27.31
CA MET B 211 13.72 3.67 -28.71
C MET B 211 12.37 3.80 -29.42
N LEU B 212 11.44 2.88 -29.14
CA LEU B 212 10.12 2.99 -29.76
C LEU B 212 9.39 4.24 -29.28
N LYS B 213 9.46 4.53 -27.99
CA LYS B 213 8.78 5.71 -27.45
C LYS B 213 9.29 7.00 -28.08
N LYS B 214 10.59 7.05 -28.38
CA LYS B 214 11.18 8.25 -28.95
C LYS B 214 10.56 8.60 -30.30
N LEU B 215 10.04 7.61 -31.02
CA LEU B 215 9.42 7.82 -32.32
C LEU B 215 8.08 8.52 -32.22
N GLN B 216 7.50 8.65 -31.03
CA GLN B 216 6.27 9.41 -30.83
C GLN B 216 5.16 8.96 -31.78
N LEU B 217 4.90 7.66 -31.79
CA LEU B 217 3.96 7.13 -32.76
C LEU B 217 2.52 7.44 -32.35
N HIS B 218 1.65 7.56 -33.35
CA HIS B 218 0.22 7.67 -33.13
C HIS B 218 -0.41 6.30 -32.89
N GLU B 219 -1.63 6.32 -32.33
CA GLU B 219 -2.38 5.08 -32.19
C GLU B 219 -2.45 4.31 -33.50
N GLU B 220 -2.63 5.03 -34.62
CA GLU B 220 -2.78 4.37 -35.91
C GLU B 220 -1.51 3.61 -36.30
N GLU B 221 -0.36 4.18 -35.98
CA GLU B 221 0.90 3.50 -36.30
C GLU B 221 1.13 2.29 -35.39
N TYR B 222 0.85 2.43 -34.10
CA TYR B 222 0.94 1.30 -33.18
C TYR B 222 0.04 0.16 -33.65
N VAL B 223 -1.21 0.47 -34.02
CA VAL B 223 -2.10 -0.64 -34.32
C VAL B 223 -1.70 -1.31 -35.63
N LEU B 224 -1.12 -0.56 -36.58
CA LEU B 224 -0.61 -1.17 -37.80
C LEU B 224 0.64 -2.01 -37.54
N MET B 225 1.52 -1.54 -36.65
CA MET B 225 2.65 -2.37 -36.22
C MET B 225 2.17 -3.69 -35.62
N GLN B 226 1.08 -3.64 -34.84
CA GLN B 226 0.52 -4.87 -34.25
C GLN B 226 0.04 -5.81 -35.34
N ALA B 227 -0.59 -5.25 -36.37
CA ALA B 227 -1.06 -6.06 -37.49
C ALA B 227 0.10 -6.65 -38.27
N ILE B 228 1.15 -5.86 -38.53
CA ILE B 228 2.28 -6.39 -39.29
C ILE B 228 2.93 -7.54 -38.53
N SER B 229 3.04 -7.40 -37.21
CA SER B 229 3.59 -8.47 -36.38
C SER B 229 2.68 -9.68 -36.36
N LEU B 230 1.37 -9.45 -36.19
CA LEU B 230 0.42 -10.55 -36.08
C LEU B 230 0.43 -11.42 -37.32
N PHE B 231 0.43 -10.78 -38.49
CA PHE B 231 0.40 -11.44 -39.80
C PHE B 231 1.82 -11.64 -40.34
N SER B 232 2.65 -12.32 -39.54
CA SER B 232 3.99 -12.67 -39.96
C SER B 232 3.98 -14.04 -40.64
N PRO B 233 4.27 -14.13 -41.95
CA PRO B 233 4.18 -15.42 -42.63
C PRO B 233 5.24 -16.41 -42.21
N ASP B 234 6.33 -15.96 -41.60
CA ASP B 234 7.45 -16.84 -41.30
C ASP B 234 7.30 -17.48 -39.93
N ARG B 235 6.14 -17.35 -39.28
CA ARG B 235 5.98 -17.94 -37.96
C ARG B 235 5.92 -19.46 -38.03
N PRO B 236 6.53 -20.14 -37.06
CA PRO B 236 6.52 -21.61 -37.03
C PRO B 236 5.12 -22.19 -37.13
N GLY B 237 4.93 -23.08 -38.10
CA GLY B 237 3.70 -23.81 -38.27
C GLY B 237 2.69 -23.19 -39.21
N VAL B 238 2.94 -21.97 -39.69
CA VAL B 238 2.01 -21.31 -40.62
C VAL B 238 1.99 -22.10 -41.91
N LEU B 239 0.78 -22.38 -42.40
CA LEU B 239 0.61 -23.11 -43.64
C LEU B 239 0.29 -22.21 -44.83
N GLN B 240 -0.56 -21.21 -44.65
CA GLN B 240 -0.94 -20.32 -45.75
C GLN B 240 0.02 -19.13 -45.83
N HIS B 241 1.31 -19.45 -46.04
N HIS B 241 1.31 -19.45 -46.04
CA HIS B 241 2.37 -18.42 -46.05
CA HIS B 241 2.37 -18.43 -46.04
C HIS B 241 1.99 -17.26 -46.96
C HIS B 241 2.01 -17.26 -46.96
N ARG B 242 1.58 -17.56 -48.20
CA ARG B 242 1.26 -16.52 -49.17
C ARG B 242 0.07 -15.66 -48.75
N VAL B 243 -1.00 -16.28 -48.23
CA VAL B 243 -2.13 -15.48 -47.76
C VAL B 243 -1.67 -14.53 -46.65
N VAL B 244 -0.93 -15.07 -45.69
CA VAL B 244 -0.45 -14.24 -44.58
C VAL B 244 0.51 -13.17 -45.10
N ASP B 245 1.39 -13.55 -46.05
CA ASP B 245 2.34 -12.59 -46.61
C ASP B 245 1.62 -11.46 -47.34
N GLN B 246 0.61 -11.78 -48.14
CA GLN B 246 -0.10 -10.75 -48.88
C GLN B 246 -0.87 -9.83 -47.95
N LEU B 247 -1.38 -10.38 -46.84
CA LEU B 247 -2.04 -9.53 -45.86
C LEU B 247 -1.05 -8.60 -45.18
N GLN B 248 0.13 -9.11 -44.80
CA GLN B 248 1.15 -8.28 -44.17
C GLN B 248 1.57 -7.13 -45.08
N GLU B 249 1.81 -7.42 -46.36
CA GLU B 249 2.19 -6.37 -47.30
C GLU B 249 1.15 -5.26 -47.35
N GLN B 250 -0.14 -5.62 -47.36
CA GLN B 250 -1.19 -4.60 -47.41
C GLN B 250 -1.21 -3.75 -46.15
N PHE B 251 -0.91 -4.34 -44.98
CA PHE B 251 -0.77 -3.53 -43.78
C PHE B 251 0.46 -2.63 -43.85
N ALA B 252 1.58 -3.16 -44.34
CA ALA B 252 2.80 -2.36 -44.44
C ALA B 252 2.64 -1.21 -45.43
N ILE B 253 2.00 -1.46 -46.58
CA ILE B 253 1.73 -0.39 -47.53
C ILE B 253 0.82 0.67 -46.91
N THR B 254 -0.19 0.23 -46.14
CA THR B 254 -1.08 1.19 -45.49
C THR B 254 -0.34 2.04 -44.48
N LEU B 255 0.56 1.41 -43.71
CA LEU B 255 1.38 2.16 -42.77
C LEU B 255 2.24 3.19 -43.50
N LYS B 256 2.87 2.78 -44.60
CA LYS B 256 3.71 3.71 -45.35
C LYS B 256 2.91 4.91 -45.83
N SER B 257 1.72 4.67 -46.37
CA SER B 257 0.89 5.75 -46.87
C SER B 257 0.39 6.63 -45.73
N TYR B 258 0.01 6.02 -44.60
CA TYR B 258 -0.44 6.83 -43.47
C TYR B 258 0.59 7.87 -43.10
N ILE B 259 1.84 7.47 -42.96
CA ILE B 259 2.88 8.37 -42.50
C ILE B 259 3.10 9.51 -43.51
N GLU B 260 3.16 9.20 -44.81
CA GLU B 260 3.43 10.23 -45.81
C GLU B 260 2.35 11.30 -45.83
N CYS B 261 1.09 10.86 -45.74
CA CYS B 261 -0.04 11.80 -45.86
C CYS B 261 -0.50 12.36 -44.52
N ASN B 262 0.15 12.05 -43.40
CA ASN B 262 -0.40 12.53 -42.10
C ASN B 262 0.71 12.99 -41.14
N ARG B 263 1.96 13.07 -41.59
CA ARG B 263 3.05 13.39 -40.64
C ARG B 263 4.25 14.02 -41.36
N PRO B 264 4.28 15.34 -41.63
CA PRO B 264 5.38 15.93 -42.39
C PRO B 264 6.54 16.51 -41.58
N GLN B 265 6.41 16.56 -40.26
CA GLN B 265 7.45 17.21 -39.41
C GLN B 265 8.78 16.44 -39.56
N PRO B 266 9.93 17.11 -39.76
CA PRO B 266 11.21 16.43 -40.03
C PRO B 266 11.72 15.50 -38.95
N ALA B 267 11.11 15.53 -37.76
CA ALA B 267 11.47 14.58 -36.73
C ALA B 267 11.06 13.16 -37.09
N HIS B 268 10.16 13.00 -38.04
CA HIS B 268 9.63 11.69 -38.37
C HIS B 268 10.20 11.21 -39.71
N ARG B 269 11.46 11.55 -39.98
CA ARG B 269 12.10 11.14 -41.23
C ARG B 269 12.46 9.65 -41.18
N PHE B 270 12.20 8.97 -42.30
CA PHE B 270 12.44 7.54 -42.43
C PHE B 270 11.60 6.75 -41.40
N LEU B 271 10.50 7.33 -40.91
CA LEU B 271 9.69 6.71 -39.86
C LEU B 271 9.21 5.32 -40.26
N PHE B 272 8.78 5.14 -41.52
CA PHE B 272 8.27 3.82 -41.91
C PHE B 272 9.36 2.76 -41.82
N LEU B 273 10.53 3.03 -42.39
CA LEU B 273 11.63 2.08 -42.35
C LEU B 273 12.15 1.87 -40.93
N LYS B 274 12.08 2.91 -40.09
CA LYS B 274 12.48 2.78 -38.69
C LYS B 274 11.55 1.83 -37.93
N ILE B 275 10.23 1.96 -38.15
CA ILE B 275 9.27 1.04 -37.55
C ILE B 275 9.54 -0.39 -37.99
N MET B 276 9.72 -0.60 -39.30
CA MET B 276 10.00 -1.95 -39.81
C MET B 276 11.24 -2.55 -39.16
N ALA B 277 12.25 -1.72 -38.87
CA ALA B 277 13.43 -2.21 -38.18
C ALA B 277 13.19 -2.52 -36.72
N MET B 278 12.34 -1.72 -36.05
CA MET B 278 12.00 -2.01 -34.66
C MET B 278 11.29 -3.35 -34.56
N LEU B 279 10.45 -3.66 -35.56
CA LEU B 279 9.74 -4.93 -35.57
C LEU B 279 10.70 -6.09 -35.71
N THR B 280 11.75 -5.92 -36.51
CA THR B 280 12.78 -6.94 -36.61
C THR B 280 13.50 -7.11 -35.27
N GLU B 281 13.77 -6.01 -34.55
CA GLU B 281 14.38 -6.11 -33.24
C GLU B 281 13.46 -6.78 -32.22
N LEU B 282 12.16 -6.50 -32.30
CA LEU B 282 11.19 -7.14 -31.42
C LEU B 282 11.15 -8.62 -31.66
N ARG B 283 11.39 -9.04 -32.92
CA ARG B 283 11.41 -10.43 -33.28
C ARG B 283 12.54 -11.15 -32.55
N SER B 284 13.71 -10.50 -32.46
CA SER B 284 14.85 -11.06 -31.77
C SER B 284 14.68 -11.07 -30.26
N ILE B 285 14.08 -10.00 -29.72
CA ILE B 285 13.78 -9.97 -28.28
C ILE B 285 12.78 -11.07 -27.94
N ASN B 286 11.79 -11.28 -28.82
CA ASN B 286 10.84 -12.37 -28.58
C ASN B 286 11.54 -13.72 -28.56
N ALA B 287 12.46 -13.95 -29.50
CA ALA B 287 13.18 -15.23 -29.53
C ALA B 287 13.98 -15.42 -28.26
N GLN B 288 14.67 -14.38 -27.79
CA GLN B 288 15.52 -14.52 -26.61
C GLN B 288 14.68 -14.78 -25.35
N HIS B 289 13.49 -14.16 -25.25
CA HIS B 289 12.65 -14.34 -24.05
C HIS B 289 12.02 -15.74 -24.01
N THR B 290 11.55 -16.23 -25.15
CA THR B 290 10.99 -17.59 -25.22
C THR B 290 12.00 -18.62 -24.73
N GLN B 291 13.24 -18.55 -25.24
CA GLN B 291 14.27 -19.52 -24.84
C GLN B 291 14.55 -19.44 -23.34
N ARG B 292 14.58 -18.21 -22.79
CA ARG B 292 14.81 -18.01 -21.37
C ARG B 292 13.72 -18.67 -20.55
N LEU B 293 12.46 -18.40 -20.90
CA LEU B 293 11.34 -18.94 -20.11
C LEU B 293 11.20 -20.44 -20.26
N LEU B 294 11.48 -20.99 -21.46
CA LEU B 294 11.45 -22.45 -21.64
C LEU B 294 12.42 -23.17 -20.72
N ARG B 295 13.49 -22.48 -20.33
CA ARG B 295 14.48 -23.07 -19.40
C ARG B 295 14.07 -22.78 -17.94
N ILE B 296 13.64 -21.56 -17.65
CA ILE B 296 13.34 -21.19 -16.23
C ILE B 296 12.16 -22.00 -15.71
N GLN B 297 11.16 -22.29 -16.56
CA GLN B 297 9.97 -23.00 -16.10
C GLN B 297 10.32 -24.36 -15.52
N ASP B 298 11.39 -25.00 -16.02
CA ASP B 298 11.86 -26.27 -15.46
C ASP B 298 12.13 -26.13 -13.97
N ILE B 299 12.87 -25.10 -13.56
CA ILE B 299 13.24 -24.90 -12.16
C ILE B 299 12.08 -24.29 -11.38
N HIS B 300 11.72 -23.03 -11.67
CA HIS B 300 10.66 -22.35 -10.93
C HIS B 300 9.34 -22.33 -11.71
N PRO B 301 8.30 -23.05 -11.24
CA PRO B 301 6.98 -23.00 -11.88
C PRO B 301 6.27 -21.68 -11.62
N PHE B 302 5.88 -20.99 -12.70
CA PHE B 302 5.15 -19.73 -12.57
C PHE B 302 4.19 -19.52 -13.74
N ALA B 303 4.52 -20.09 -14.89
CA ALA B 303 3.75 -19.86 -16.10
C ALA B 303 2.30 -20.29 -15.91
N THR B 304 1.37 -19.42 -16.28
CA THR B 304 -0.04 -19.77 -16.26
C THR B 304 -0.32 -20.82 -17.34
N PRO B 305 -1.45 -21.54 -17.23
CA PRO B 305 -1.77 -22.50 -18.30
C PRO B 305 -1.74 -21.91 -19.71
N LEU B 306 -2.21 -20.69 -19.90
CA LEU B 306 -2.20 -20.10 -21.24
C LEU B 306 -0.77 -19.80 -21.71
N MET B 307 0.07 -19.28 -20.81
CA MET B 307 1.48 -19.02 -21.14
C MET B 307 2.18 -20.29 -21.58
N GLN B 308 1.94 -21.39 -20.86
CA GLN B 308 2.51 -22.69 -21.21
C GLN B 308 2.12 -23.07 -22.64
N GLU B 309 0.89 -22.79 -23.05
CA GLU B 309 0.46 -23.06 -24.41
C GLU B 309 1.14 -22.12 -25.42
N LEU B 310 1.13 -20.82 -25.14
CA LEU B 310 1.63 -19.83 -26.08
C LEU B 310 3.12 -19.97 -26.33
N PHE B 311 3.88 -20.37 -25.32
CA PHE B 311 5.33 -20.41 -25.44
C PHE B 311 5.85 -21.83 -25.66
N GLY B 312 4.96 -22.80 -25.84
CA GLY B 312 5.33 -24.16 -26.17
C GLY B 312 5.88 -24.95 -25.00
N ILE B 313 5.73 -24.43 -23.79
CA ILE B 313 6.17 -25.12 -22.59
C ILE B 313 5.18 -26.24 -22.31
N GLU C 10 -23.11 -3.65 33.58
CA GLU C 10 -23.24 -4.22 32.24
C GLU C 10 -22.72 -3.25 31.20
N ARG C 11 -22.57 -1.97 31.59
CA ARG C 11 -22.02 -0.99 30.68
C ARG C 11 -20.54 -1.25 30.39
N HIS C 12 -19.90 -2.10 31.19
CA HIS C 12 -18.48 -2.36 31.03
C HIS C 12 -18.19 -3.86 31.05
N LYS C 13 -19.00 -4.63 30.31
CA LYS C 13 -18.90 -6.10 30.31
C LYS C 13 -17.50 -6.57 29.90
N ILE C 14 -16.97 -6.01 28.81
CA ILE C 14 -15.64 -6.39 28.36
C ILE C 14 -14.57 -5.95 29.36
N LEU C 15 -14.69 -4.74 29.90
CA LEU C 15 -13.70 -4.32 30.90
C LEU C 15 -13.75 -5.22 32.13
N HIS C 16 -14.95 -5.57 32.60
CA HIS C 16 -15.05 -6.46 33.76
C HIS C 16 -14.38 -7.79 33.48
N ARG C 17 -14.65 -8.38 32.32
CA ARG C 17 -14.06 -9.67 31.99
C ARG C 17 -12.54 -9.57 31.92
N LEU C 18 -12.02 -8.54 31.25
CA LEU C 18 -10.58 -8.39 31.12
C LEU C 18 -9.91 -8.19 32.47
N LEU C 19 -10.56 -7.48 33.38
CA LEU C 19 -9.99 -7.31 34.72
C LEU C 19 -10.07 -8.60 35.54
N GLN C 20 -11.07 -9.45 35.29
CA GLN C 20 -11.23 -10.68 36.09
C GLN C 20 -10.21 -11.75 35.70
N GLU C 21 -9.86 -11.86 34.41
CA GLU C 21 -9.00 -12.94 33.94
C GLU C 21 -7.61 -12.84 34.57
N GLY C 22 -6.94 -13.99 34.68
CA GLY C 22 -5.61 -14.03 35.26
C GLY C 22 -4.50 -13.85 34.24
N SER D 7 -3.85 -31.48 -34.55
CA SER D 7 -2.44 -31.14 -34.38
C SER D 7 -2.29 -29.98 -33.37
N LEU D 8 -2.39 -28.75 -33.87
CA LEU D 8 -2.27 -27.57 -33.02
C LEU D 8 -3.48 -27.38 -32.13
N THR D 9 -4.66 -27.84 -32.57
CA THR D 9 -5.90 -27.64 -31.82
C THR D 9 -5.88 -28.35 -30.47
N GLU D 10 -5.32 -29.57 -30.41
CA GLU D 10 -5.37 -30.30 -29.15
C GLU D 10 -4.28 -29.86 -28.18
N ARG D 11 -3.12 -29.43 -28.68
CA ARG D 11 -2.06 -28.92 -27.82
C ARG D 11 -2.32 -27.50 -27.35
N HIS D 12 -3.35 -26.83 -27.87
CA HIS D 12 -3.66 -25.43 -27.59
C HIS D 12 -5.14 -25.28 -27.28
N LYS D 13 -5.63 -26.13 -26.37
CA LYS D 13 -7.04 -26.16 -26.02
C LYS D 13 -7.53 -24.83 -25.43
N ILE D 14 -6.75 -24.20 -24.55
CA ILE D 14 -7.15 -22.91 -23.99
C ILE D 14 -7.14 -21.84 -25.07
N LEU D 15 -6.07 -21.81 -25.88
CA LEU D 15 -6.00 -20.83 -26.96
C LEU D 15 -7.16 -21.02 -27.93
N HIS D 16 -7.47 -22.27 -28.27
CA HIS D 16 -8.62 -22.54 -29.11
C HIS D 16 -9.92 -22.09 -28.43
N ARG D 17 -10.06 -22.36 -27.13
CA ARG D 17 -11.24 -21.90 -26.40
C ARG D 17 -11.40 -20.39 -26.46
N LEU D 18 -10.31 -19.65 -26.22
CA LEU D 18 -10.38 -18.19 -26.20
C LEU D 18 -10.68 -17.62 -27.59
N LEU D 19 -10.19 -18.27 -28.64
CA LEU D 19 -10.50 -17.83 -29.99
C LEU D 19 -11.95 -18.08 -30.35
N GLN D 20 -12.53 -19.18 -29.87
CA GLN D 20 -13.91 -19.51 -30.21
C GLN D 20 -14.90 -18.63 -29.47
N GLU D 21 -14.63 -18.32 -28.20
CA GLU D 21 -15.52 -17.52 -27.36
C GLU D 21 -15.48 -16.04 -27.71
#